data_4K4O
#
_entry.id   4K4O
#
_cell.length_a   54.450
_cell.length_b   58.350
_cell.length_c   65.550
_cell.angle_alpha   90.00
_cell.angle_beta   90.00
_cell.angle_gamma   90.00
#
_symmetry.space_group_name_H-M   'P 21 21 21'
#
loop_
_entity.id
_entity.type
_entity.pdbx_description
1 polymer 'DNA gyrase subunit B'
2 non-polymer 6-fluoro-4-[(3aR,6aR)-hexahydropyrrolo[3,4-b]pyrrol-5(1H)-yl]-N-methyl-2-[(2-methylpyrimidin-5-yl)oxy]-9H-pyrimido[4,5-b]indol-8-amine
3 non-polymer 'TERTIARY-BUTYL ALCOHOL'
4 water water
#
_entity_poly.entity_id   1
_entity_poly.type   'polypeptide(L)'
_entity_poly.pdbx_seq_one_letter_code
;GLEAVRKRPGMYIGSTSGEGLHHLVWEIVDNSIDEALAGFAKSIQVIIEPDDSITVIDDGRGIPVGIQAKTGRPAVETVF
TVLHAGGKFGGGGYKVSGGLHGVGSSVVNALSTSLDVRVYKDGKVYYQEYRRGAVVDDLKVIEETDRHGTTVHFIPDPEI
FTETTVYDFDKLATRVRELAFLNRGLHISIEDRREGQEDKKEYHYEGLEHHHHHH
;
_entity_poly.pdbx_strand_id   A
#
loop_
_chem_comp.id
_chem_comp.type
_chem_comp.name
_chem_comp.formula
DOO non-polymer 6-fluoro-4-[(3aR,6aR)-hexahydropyrrolo[3,4-b]pyrrol-5(1H)-yl]-N-methyl-2-[(2-methylpyrimidin-5-yl)oxy]-9H-pyrimido[4,5-b]indol-8-amine 'C22 H23 F N8 O'
TBU non-polymer 'TERTIARY-BUTYL ALCOHOL' 'C4 H10 O'
#
# COMPACT_ATOMS: atom_id res chain seq x y z
N GLY A 1 -18.66 7.42 -8.15
CA GLY A 1 -17.22 7.49 -7.74
C GLY A 1 -16.46 6.20 -7.99
N LEU A 2 -16.04 5.55 -6.90
CA LEU A 2 -15.26 4.31 -6.97
C LEU A 2 -16.01 3.15 -7.59
N GLU A 3 -17.34 3.20 -7.58
CA GLU A 3 -18.12 2.17 -8.26
C GLU A 3 -17.73 2.09 -9.74
N ALA A 4 -17.42 3.24 -10.34
CA ALA A 4 -16.97 3.25 -11.73
C ALA A 4 -15.65 2.49 -11.93
N VAL A 5 -14.77 2.57 -10.94
CA VAL A 5 -13.51 1.84 -10.96
C VAL A 5 -13.75 0.33 -10.94
N ARG A 6 -14.69 -0.12 -10.11
CA ARG A 6 -14.98 -1.54 -10.04
C ARG A 6 -15.60 -2.09 -11.33
N LYS A 7 -16.32 -1.24 -12.06
CA LYS A 7 -17.00 -1.67 -13.29
C LYS A 7 -16.16 -1.49 -14.55
N ARG A 8 -15.28 -0.49 -14.55
CA ARG A 8 -14.33 -0.31 -15.64
C ARG A 8 -12.86 -0.30 -15.15
N PRO A 9 -12.45 -1.38 -14.47
CA PRO A 9 -11.09 -1.39 -13.94
C PRO A 9 -10.02 -1.23 -15.02
N GLY A 10 -10.32 -1.68 -16.25
CA GLY A 10 -9.40 -1.54 -17.37
C GLY A 10 -8.98 -0.12 -17.67
N MET A 11 -9.84 0.84 -17.37
CA MET A 11 -9.56 2.25 -17.60
C MET A 11 -8.66 2.86 -16.53
N TYR A 12 -8.53 2.19 -15.39
CA TYR A 12 -7.79 2.74 -14.26
C TYR A 12 -6.45 2.04 -14.02
N ILE A 13 -6.40 0.74 -14.30
CA ILE A 13 -5.17 -0.04 -14.08
C ILE A 13 -4.60 -0.69 -15.35
N GLY A 14 -5.25 -0.45 -16.50
CA GLY A 14 -4.71 -0.86 -17.80
C GLY A 14 -5.09 -2.27 -18.23
N SER A 15 -5.09 -3.17 -17.26
CA SER A 15 -5.40 -4.57 -17.51
C SER A 15 -5.88 -5.24 -16.24
N THR A 16 -6.77 -6.21 -16.38
CA THR A 16 -7.22 -6.99 -15.22
C THR A 16 -6.53 -8.35 -15.16
N SER A 17 -5.52 -8.53 -16.01
CA SER A 17 -4.66 -9.70 -16.01
C SER A 17 -3.66 -9.61 -14.85
N GLY A 18 -2.69 -10.52 -14.85
CA GLY A 18 -1.58 -10.47 -13.90
C GLY A 18 -0.85 -9.14 -13.89
N GLU A 19 -0.81 -8.44 -15.03
CA GLU A 19 -0.17 -7.12 -15.06
C GLU A 19 -0.88 -6.13 -14.13
N GLY A 20 -2.21 -6.09 -14.19
CA GLY A 20 -3.00 -5.22 -13.32
C GLY A 20 -2.89 -5.61 -11.85
N LEU A 21 -2.85 -6.92 -11.59
CA LEU A 21 -2.67 -7.42 -10.24
C LEU A 21 -1.40 -6.83 -9.59
N HIS A 22 -0.31 -6.85 -10.35
CA HIS A 22 0.97 -6.29 -9.88
C HIS A 22 0.96 -4.78 -9.81
N HIS A 23 0.24 -4.15 -10.73
CA HIS A 23 0.08 -2.70 -10.71
C HIS A 23 -0.47 -2.18 -9.40
N LEU A 24 -1.35 -2.95 -8.76
CA LEU A 24 -1.87 -2.54 -7.45
C LEU A 24 -0.75 -2.30 -6.45
N VAL A 25 0.24 -3.18 -6.45
CA VAL A 25 1.36 -3.05 -5.53
C VAL A 25 2.08 -1.73 -5.79
N TRP A 26 2.34 -1.42 -7.05
CA TRP A 26 3.08 -0.20 -7.36
C TRP A 26 2.34 1.05 -7.02
N GLU A 27 1.01 1.03 -7.14
CA GLU A 27 0.22 2.19 -6.75
CA GLU A 27 0.20 2.18 -6.75
C GLU A 27 0.39 2.48 -5.25
N ILE A 28 0.39 1.44 -4.42
CA ILE A 28 0.57 1.65 -2.97
C ILE A 28 2.01 2.04 -2.66
N VAL A 29 2.97 1.30 -3.22
CA VAL A 29 4.39 1.57 -2.99
C VAL A 29 4.76 3.01 -3.41
N ASP A 30 4.15 3.51 -4.49
CA ASP A 30 4.43 4.88 -4.93
C ASP A 30 4.06 5.92 -3.88
N ASN A 31 3.01 5.68 -3.10
CA ASN A 31 2.68 6.56 -1.98
C ASN A 31 3.78 6.57 -0.93
N SER A 32 4.29 5.39 -0.58
CA SER A 32 5.40 5.30 0.36
C SER A 32 6.65 5.99 -0.17
N ILE A 33 6.92 5.82 -1.47
CA ILE A 33 8.08 6.47 -2.07
CA ILE A 33 8.04 6.48 -2.15
C ILE A 33 7.93 8.00 -2.03
N ASP A 34 6.73 8.52 -2.23
CA ASP A 34 6.51 9.97 -2.10
C ASP A 34 6.84 10.46 -0.70
N GLU A 35 6.56 9.65 0.32
CA GLU A 35 6.88 10.01 1.71
C GLU A 35 8.39 9.90 1.99
N ALA A 36 9.09 9.03 1.26
CA ALA A 36 10.56 9.02 1.25
C ALA A 36 11.11 10.30 0.59
N LEU A 37 10.54 10.68 -0.54
CA LEU A 37 10.92 11.92 -1.22
C LEU A 37 10.67 13.15 -0.36
N ALA A 38 9.58 13.14 0.40
CA ALA A 38 9.31 14.23 1.34
C ALA A 38 10.39 14.29 2.43
N GLY A 39 11.09 13.18 2.64
CA GLY A 39 12.26 13.13 3.52
C GLY A 39 12.05 12.38 4.82
N PHE A 40 10.87 11.83 5.01
CA PHE A 40 10.49 11.25 6.32
C PHE A 40 10.55 9.73 6.37
N ALA A 41 10.12 9.06 5.30
CA ALA A 41 10.23 7.61 5.25
C ALA A 41 11.64 7.19 4.84
N LYS A 42 12.19 6.24 5.58
CA LYS A 42 13.55 5.74 5.32
C LYS A 42 13.55 4.27 4.92
N SER A 43 12.48 3.57 5.27
CA SER A 43 12.38 2.11 5.07
CA SER A 43 12.39 2.15 4.95
C SER A 43 10.98 1.74 4.61
N ILE A 44 10.89 0.92 3.56
CA ILE A 44 9.63 0.39 3.06
C ILE A 44 9.72 -1.13 2.99
N GLN A 45 8.71 -1.80 3.52
N GLN A 45 8.71 -1.81 3.51
CA GLN A 45 8.58 -3.24 3.40
CA GLN A 45 8.64 -3.27 3.41
C GLN A 45 7.40 -3.55 2.51
C GLN A 45 7.40 -3.69 2.65
N VAL A 46 7.61 -4.47 1.58
CA VAL A 46 6.53 -5.06 0.80
C VAL A 46 6.47 -6.55 1.14
N ILE A 47 5.28 -7.03 1.51
CA ILE A 47 5.11 -8.43 1.92
C ILE A 47 3.98 -9.09 1.13
N ILE A 48 4.29 -10.22 0.50
CA ILE A 48 3.26 -11.11 -0.05
C ILE A 48 2.88 -12.03 1.10
N GLU A 49 1.66 -11.84 1.59
CA GLU A 49 1.14 -12.63 2.70
C GLU A 49 0.79 -14.05 2.23
N PRO A 50 0.59 -14.99 3.17
CA PRO A 50 0.39 -16.39 2.73
C PRO A 50 -0.85 -16.62 1.85
N ASP A 51 -1.79 -15.69 1.87
CA ASP A 51 -3.03 -15.79 1.10
C ASP A 51 -3.01 -14.94 -0.18
N ASP A 52 -1.81 -14.54 -0.63
CA ASP A 52 -1.64 -13.66 -1.81
C ASP A 52 -2.16 -12.24 -1.60
N SER A 53 -2.43 -11.86 -0.35
CA SER A 53 -2.68 -10.45 -0.05
C SER A 53 -1.34 -9.74 0.10
N ILE A 54 -1.38 -8.41 0.15
CA ILE A 54 -0.17 -7.59 0.14
C ILE A 54 -0.19 -6.64 1.33
N THR A 55 0.95 -6.54 2.03
CA THR A 55 1.14 -5.52 3.04
C THR A 55 2.30 -4.62 2.63
N VAL A 56 2.09 -3.31 2.72
CA VAL A 56 3.15 -2.33 2.49
C VAL A 56 3.28 -1.48 3.75
N ILE A 57 4.50 -1.41 4.28
CA ILE A 57 4.80 -0.68 5.51
C ILE A 57 5.83 0.40 5.23
N ASP A 58 5.56 1.63 5.64
CA ASP A 58 6.60 2.67 5.69
C ASP A 58 6.75 3.26 7.09
N ASP A 59 7.87 3.93 7.32
CA ASP A 59 8.16 4.58 8.60
C ASP A 59 8.18 6.10 8.46
N GLY A 60 7.32 6.63 7.60
CA GLY A 60 7.18 8.08 7.44
C GLY A 60 6.36 8.72 8.55
N ARG A 61 5.73 9.86 8.23
CA ARG A 61 4.99 10.62 9.23
C ARG A 61 3.64 10.00 9.61
N GLY A 62 3.08 9.19 8.72
CA GLY A 62 1.71 8.71 8.86
C GLY A 62 0.77 9.61 8.10
N ILE A 63 -0.14 9.01 7.30
CA ILE A 63 -1.15 9.79 6.57
C ILE A 63 -1.86 10.74 7.53
N PRO A 64 -2.08 12.02 7.11
CA PRO A 64 -2.82 12.92 8.00
C PRO A 64 -4.19 12.35 8.38
N VAL A 65 -4.55 12.51 9.66
CA VAL A 65 -5.79 11.96 10.18
C VAL A 65 -6.79 13.05 10.54
N GLY A 66 -6.37 14.29 10.46
CA GLY A 66 -7.38 15.36 10.79
C GLY A 66 -8.55 15.58 9.79
N ILE A 67 -9.68 15.95 10.38
CA ILE A 67 -10.88 16.29 9.61
C ILE A 67 -10.59 17.42 8.63
N GLN A 68 -10.95 17.22 7.37
CA GLN A 68 -10.86 18.27 6.35
C GLN A 68 -12.16 19.05 6.31
N ALA A 69 -12.06 20.37 6.28
CA ALA A 69 -13.23 21.24 6.25
C ALA A 69 -14.13 20.95 5.03
N LYS A 70 -13.50 20.70 3.89
CA LYS A 70 -14.22 20.50 2.62
C LYS A 70 -15.04 19.21 2.57
N THR A 71 -14.58 18.17 3.25
CA THR A 71 -15.22 16.86 3.22
C THR A 71 -15.95 16.51 4.52
N GLY A 72 -15.47 17.07 5.63
CA GLY A 72 -15.97 16.71 6.96
C GLY A 72 -15.50 15.34 7.43
N ARG A 73 -14.57 14.75 6.69
CA ARG A 73 -14.03 13.42 6.98
C ARG A 73 -12.53 13.48 7.25
N PRO A 74 -11.99 12.51 8.02
CA PRO A 74 -10.54 12.47 8.19
C PRO A 74 -9.82 12.37 6.84
N ALA A 75 -8.70 13.05 6.71
CA ALA A 75 -7.93 13.03 5.47
C ALA A 75 -7.61 11.61 4.99
N VAL A 76 -7.22 10.74 5.92
CA VAL A 76 -6.89 9.34 5.59
C VAL A 76 -8.07 8.61 4.92
N GLU A 77 -9.29 8.87 5.36
CA GLU A 77 -10.45 8.25 4.71
C GLU A 77 -10.56 8.69 3.25
N THR A 78 -10.41 9.98 3.01
CA THR A 78 -10.46 10.54 1.67
C THR A 78 -9.41 9.92 0.74
N VAL A 79 -8.21 9.66 1.27
CA VAL A 79 -7.14 9.00 0.52
C VAL A 79 -7.61 7.69 -0.14
N PHE A 80 -8.44 6.94 0.57
CA PHE A 80 -8.89 5.64 0.08
C PHE A 80 -10.27 5.60 -0.59
N THR A 81 -11.05 6.66 -0.41
CA THR A 81 -12.47 6.61 -0.81
C THR A 81 -12.84 7.59 -1.92
N VAL A 82 -11.95 8.52 -2.26
CA VAL A 82 -12.24 9.54 -3.27
C VAL A 82 -11.28 9.37 -4.44
N LEU A 83 -11.86 9.25 -5.63
CA LEU A 83 -11.11 9.00 -6.85
C LEU A 83 -10.36 10.25 -7.30
N GLY A 104 -4.45 6.74 -7.10
CA GLY A 104 -4.05 5.34 -7.10
C GLY A 104 -4.52 4.59 -5.88
N SER A 105 -4.34 5.18 -4.69
CA SER A 105 -4.69 4.50 -3.44
C SER A 105 -6.17 4.10 -3.40
N SER A 106 -7.04 4.99 -3.88
CA SER A 106 -8.47 4.69 -3.87
CA SER A 106 -8.48 4.72 -3.91
C SER A 106 -8.84 3.65 -4.93
N VAL A 107 -8.09 3.60 -6.03
CA VAL A 107 -8.27 2.58 -7.06
C VAL A 107 -7.92 1.20 -6.48
N VAL A 108 -6.82 1.12 -5.73
CA VAL A 108 -6.46 -0.15 -5.10
C VAL A 108 -7.55 -0.58 -4.13
N ASN A 109 -8.03 0.36 -3.31
CA ASN A 109 -9.15 0.08 -2.42
C ASN A 109 -10.36 -0.49 -3.17
N ALA A 110 -10.79 0.20 -4.22
CA ALA A 110 -11.94 -0.24 -5.00
C ALA A 110 -11.80 -1.66 -5.53
N LEU A 111 -10.59 -2.04 -5.90
CA LEU A 111 -10.35 -3.32 -6.57
C LEU A 111 -9.90 -4.42 -5.62
N SER A 112 -10.09 -4.18 -4.32
CA SER A 112 -9.74 -5.14 -3.26
C SER A 112 -10.99 -5.62 -2.55
N THR A 113 -11.02 -6.90 -2.18
CA THR A 113 -12.10 -7.37 -1.30
C THR A 113 -12.10 -6.61 0.03
N SER A 114 -10.89 -6.31 0.51
CA SER A 114 -10.70 -5.60 1.76
C SER A 114 -9.39 -4.85 1.69
N LEU A 115 -9.37 -3.65 2.27
CA LEU A 115 -8.15 -2.90 2.46
C LEU A 115 -8.21 -2.34 3.87
N ASP A 116 -7.13 -2.50 4.63
CA ASP A 116 -7.03 -1.91 5.97
C ASP A 116 -5.82 -1.00 6.03
N VAL A 117 -6.01 0.14 6.67
CA VAL A 117 -4.93 1.10 6.90
C VAL A 117 -4.73 1.31 8.40
N ARG A 118 -3.46 1.31 8.79
CA ARG A 118 -3.07 1.71 10.14
CA ARG A 118 -3.06 1.71 10.14
C ARG A 118 -2.08 2.88 10.02
N VAL A 119 -2.41 3.98 10.68
CA VAL A 119 -1.55 5.16 10.74
C VAL A 119 -0.99 5.28 12.15
N TYR A 120 0.34 5.26 12.25
CA TYR A 120 1.06 5.35 13.52
C TYR A 120 1.55 6.79 13.64
N LYS A 121 0.97 7.55 14.57
CA LYS A 121 1.14 9.00 14.60
C LYS A 121 0.80 9.53 16.00
N ASP A 122 1.66 10.40 16.52
CA ASP A 122 1.41 11.08 17.81
C ASP A 122 1.08 10.10 18.96
N GLY A 123 1.76 8.95 18.95
CA GLY A 123 1.60 7.96 20.00
C GLY A 123 0.36 7.09 19.88
N LYS A 124 -0.36 7.22 18.77
CA LYS A 124 -1.62 6.51 18.57
C LYS A 124 -1.61 5.70 17.26
N VAL A 125 -2.35 4.59 17.25
CA VAL A 125 -2.61 3.84 16.01
C VAL A 125 -4.04 4.08 15.55
N TYR A 126 -4.19 4.79 14.43
CA TYR A 126 -5.48 5.06 13.82
C TYR A 126 -5.79 3.99 12.77
N TYR A 127 -6.98 3.43 12.82
CA TYR A 127 -7.34 2.30 11.97
C TYR A 127 -8.64 2.52 11.24
N GLN A 128 -8.64 2.15 9.96
CA GLN A 128 -9.87 2.11 9.16
C GLN A 128 -9.78 0.98 8.15
N GLU A 129 -10.93 0.40 7.83
CA GLU A 129 -11.01 -0.68 6.87
C GLU A 129 -12.15 -0.44 5.90
N TYR A 130 -12.00 -0.98 4.69
CA TYR A 130 -12.97 -0.85 3.59
C TYR A 130 -13.18 -2.24 3.00
N ARG A 131 -14.35 -2.47 2.43
CA ARG A 131 -14.69 -3.75 1.81
C ARG A 131 -15.26 -3.49 0.44
N ARG A 132 -14.57 -3.99 -0.58
CA ARG A 132 -14.88 -3.68 -1.98
C ARG A 132 -15.09 -2.17 -2.17
N GLY A 133 -14.22 -1.41 -1.48
CA GLY A 133 -14.20 0.05 -1.57
C GLY A 133 -15.02 0.81 -0.55
N ALA A 134 -15.96 0.12 0.10
CA ALA A 134 -16.92 0.78 1.01
C ALA A 134 -16.41 0.81 2.45
N VAL A 135 -16.54 1.97 3.10
CA VAL A 135 -16.10 2.15 4.48
C VAL A 135 -16.80 1.16 5.43
N VAL A 136 -16.04 0.53 6.32
CA VAL A 136 -16.64 -0.30 7.36
C VAL A 136 -17.08 0.55 8.56
N ASP A 137 -16.15 1.30 9.13
CA ASP A 137 -16.48 2.17 10.25
C ASP A 137 -15.61 3.41 10.21
N ASP A 138 -16.00 4.42 11.00
CA ASP A 138 -15.22 5.65 11.16
C ASP A 138 -13.83 5.31 11.68
N LEU A 139 -12.86 6.12 11.29
CA LEU A 139 -11.49 6.02 11.79
C LEU A 139 -11.50 5.96 13.32
N LYS A 140 -10.73 5.04 13.88
CA LYS A 140 -10.71 4.82 15.33
C LYS A 140 -9.29 4.61 15.82
N VAL A 141 -8.99 5.14 17.01
CA VAL A 141 -7.73 4.80 17.69
C VAL A 141 -7.87 3.43 18.34
N ILE A 142 -7.02 2.49 17.94
CA ILE A 142 -7.12 1.10 18.41
C ILE A 142 -6.04 0.70 19.43
N GLU A 143 -4.89 1.39 19.40
CA GLU A 143 -3.73 1.06 20.22
C GLU A 143 -2.91 2.32 20.45
N GLU A 144 -2.03 2.29 21.45
CA GLU A 144 -0.95 3.27 21.55
C GLU A 144 0.28 2.71 20.85
N THR A 145 1.21 3.59 20.50
CA THR A 145 2.41 3.21 19.77
C THR A 145 3.54 4.19 20.01
N ASP A 146 4.77 3.72 19.81
CA ASP A 146 5.92 4.60 19.80
C ASP A 146 6.49 4.80 18.40
N ARG A 147 5.91 4.15 17.41
CA ARG A 147 6.46 4.35 16.07
C ARG A 147 5.61 5.32 15.24
N HIS A 148 6.14 5.67 14.08
CA HIS A 148 5.43 6.52 13.12
C HIS A 148 5.49 5.89 11.76
N GLY A 149 4.41 6.05 11.01
CA GLY A 149 4.37 5.59 9.63
C GLY A 149 2.98 5.13 9.24
N THR A 150 2.90 4.52 8.06
CA THR A 150 1.65 4.01 7.51
C THR A 150 1.82 2.57 7.06
N THR A 151 0.85 1.74 7.41
CA THR A 151 0.77 0.36 6.91
C THR A 151 -0.55 0.16 6.19
N VAL A 152 -0.48 -0.26 4.93
CA VAL A 152 -1.66 -0.63 4.15
C VAL A 152 -1.60 -2.11 3.79
N HIS A 153 -2.69 -2.82 4.04
CA HIS A 153 -2.81 -4.22 3.64
C HIS A 153 -4.06 -4.37 2.80
N PHE A 154 -3.95 -5.10 1.68
CA PHE A 154 -5.09 -5.26 0.77
C PHE A 154 -5.15 -6.66 0.16
N ILE A 155 -6.38 -7.13 -0.07
CA ILE A 155 -6.63 -8.41 -0.70
C ILE A 155 -7.27 -8.16 -2.07
N PRO A 156 -6.50 -8.34 -3.17
CA PRO A 156 -7.07 -8.12 -4.50
C PRO A 156 -8.35 -8.92 -4.76
N ASP A 157 -9.32 -8.31 -5.42
CA ASP A 157 -10.63 -8.92 -5.58
C ASP A 157 -10.65 -9.86 -6.79
N PRO A 158 -10.87 -11.19 -6.59
CA PRO A 158 -10.96 -12.10 -7.74
C PRO A 158 -12.16 -11.84 -8.67
N GLU A 159 -13.15 -11.07 -8.21
CA GLU A 159 -14.22 -10.64 -9.11
C GLU A 159 -13.68 -9.71 -10.20
N ILE A 160 -12.58 -9.04 -9.90
CA ILE A 160 -11.90 -8.15 -10.83
C ILE A 160 -10.79 -8.91 -11.56
N PHE A 161 -9.92 -9.55 -10.77
CA PHE A 161 -8.76 -10.26 -11.29
C PHE A 161 -9.14 -11.71 -11.52
N THR A 162 -9.88 -11.92 -12.61
CA THR A 162 -10.50 -13.22 -12.89
C THR A 162 -9.52 -14.24 -13.47
N GLU A 163 -8.44 -13.75 -14.09
CA GLU A 163 -7.42 -14.63 -14.67
C GLU A 163 -6.51 -15.20 -13.57
N THR A 164 -6.01 -14.32 -12.70
CA THR A 164 -5.12 -14.73 -11.63
C THR A 164 -5.11 -13.74 -10.47
N THR A 165 -5.03 -14.27 -9.26
CA THR A 165 -4.76 -13.48 -8.06
C THR A 165 -3.45 -13.91 -7.41
N VAL A 166 -2.60 -14.63 -8.15
CA VAL A 166 -1.35 -15.15 -7.60
C VAL A 166 -0.18 -14.24 -7.96
N TYR A 167 0.52 -13.74 -6.94
CA TYR A 167 1.66 -12.84 -7.13
C TYR A 167 2.93 -13.55 -7.58
N ASP A 168 3.75 -12.82 -8.33
CA ASP A 168 5.02 -13.29 -8.86
C ASP A 168 6.13 -12.60 -8.06
N PHE A 169 6.77 -13.35 -7.16
CA PHE A 169 7.83 -12.79 -6.31
C PHE A 169 8.99 -12.21 -7.11
N ASP A 170 9.46 -12.93 -8.13
CA ASP A 170 10.59 -12.44 -8.91
C ASP A 170 10.24 -11.14 -9.64
N LYS A 171 9.02 -11.07 -10.16
CA LYS A 171 8.54 -9.86 -10.82
C LYS A 171 8.53 -8.67 -9.84
N LEU A 172 7.99 -8.88 -8.64
CA LEU A 172 7.99 -7.83 -7.62
C LEU A 172 9.42 -7.46 -7.20
N ALA A 173 10.26 -8.48 -6.96
CA ALA A 173 11.64 -8.24 -6.51
C ALA A 173 12.47 -7.45 -7.52
N THR A 174 12.31 -7.80 -8.79
CA THR A 174 13.00 -7.12 -9.88
C THR A 174 12.69 -5.62 -9.85
N ARG A 175 11.41 -5.28 -9.72
CA ARG A 175 11.02 -3.88 -9.67
C ARG A 175 11.41 -3.19 -8.37
N VAL A 176 11.31 -3.91 -7.24
CA VAL A 176 11.72 -3.34 -5.96
C VAL A 176 13.22 -2.96 -5.99
N ARG A 177 14.05 -3.81 -6.59
CA ARG A 177 15.47 -3.52 -6.75
C ARG A 177 15.68 -2.25 -7.60
N GLU A 178 14.96 -2.16 -8.71
CA GLU A 178 15.00 -0.97 -9.56
C GLU A 178 14.59 0.28 -8.79
N LEU A 179 13.52 0.18 -8.00
CA LEU A 179 13.06 1.28 -7.16
C LEU A 179 14.09 1.71 -6.11
N ALA A 180 14.78 0.74 -5.51
CA ALA A 180 15.84 1.06 -4.56
C ALA A 180 16.95 1.87 -5.24
N PHE A 181 17.28 1.48 -6.48
CA PHE A 181 18.31 2.16 -7.26
C PHE A 181 17.90 3.59 -7.62
N LEU A 182 16.68 3.73 -8.12
CA LEU A 182 16.16 5.03 -8.53
C LEU A 182 15.91 5.95 -7.33
N ASN A 183 15.69 5.35 -6.15
CA ASN A 183 15.49 6.10 -4.92
C ASN A 183 16.67 5.87 -3.98
N ARG A 184 17.88 6.08 -4.53
CA ARG A 184 19.13 5.85 -3.81
C ARG A 184 19.04 6.39 -2.38
N GLY A 185 19.39 5.54 -1.42
CA GLY A 185 19.35 5.90 0.00
C GLY A 185 18.21 5.20 0.72
N LEU A 186 17.15 4.87 -0.01
CA LEU A 186 16.01 4.17 0.54
C LEU A 186 16.34 2.72 0.87
N HIS A 187 15.85 2.25 2.02
CA HIS A 187 15.84 0.82 2.31
C HIS A 187 14.51 0.28 1.87
N ILE A 188 14.52 -0.73 1.02
CA ILE A 188 13.26 -1.34 0.58
C ILE A 188 13.45 -2.86 0.46
N SER A 189 12.49 -3.60 0.98
CA SER A 189 12.56 -5.04 0.99
C SER A 189 11.29 -5.64 0.42
N ILE A 190 11.42 -6.88 -0.05
CA ILE A 190 10.32 -7.67 -0.59
C ILE A 190 10.37 -9.06 0.08
N GLU A 191 9.25 -9.49 0.63
CA GLU A 191 9.18 -10.77 1.35
C GLU A 191 8.03 -11.60 0.82
N ASP A 192 8.28 -12.90 0.64
CA ASP A 192 7.25 -13.87 0.30
C ASP A 192 7.01 -14.74 1.52
N ARG A 193 5.76 -14.78 2.00
CA ARG A 193 5.40 -15.60 3.16
C ARG A 193 4.58 -16.82 2.74
N ARG A 194 4.49 -17.07 1.44
CA ARG A 194 3.69 -18.19 0.96
C ARG A 194 4.36 -19.56 1.21
N GLU A 195 3.49 -20.54 1.42
CA GLU A 195 3.89 -21.90 1.77
C GLU A 195 4.91 -22.50 0.82
N GLY A 196 6.00 -23.02 1.39
CA GLY A 196 7.00 -23.76 0.62
C GLY A 196 7.93 -22.89 -0.23
N GLN A 197 7.84 -21.57 -0.08
CA GLN A 197 8.63 -20.68 -0.91
C GLN A 197 9.01 -19.39 -0.22
N GLU A 198 9.05 -19.41 1.11
CA GLU A 198 9.38 -18.21 1.86
C GLU A 198 10.74 -17.68 1.44
N ASP A 199 10.81 -16.37 1.20
CA ASP A 199 12.01 -15.73 0.70
C ASP A 199 11.93 -14.26 1.11
N LYS A 200 13.07 -13.60 1.12
CA LYS A 200 13.13 -12.17 1.39
C LYS A 200 14.38 -11.59 0.76
N LYS A 201 14.22 -10.45 0.09
CA LYS A 201 15.35 -9.72 -0.44
C LYS A 201 15.28 -8.29 0.08
N GLU A 202 16.42 -7.77 0.51
CA GLU A 202 16.51 -6.40 1.04
C GLU A 202 17.47 -5.60 0.18
N TYR A 203 17.08 -4.38 -0.17
CA TYR A 203 17.89 -3.54 -1.04
C TYR A 203 18.16 -2.18 -0.42
N HIS A 204 19.37 -1.70 -0.61
CA HIS A 204 19.77 -0.37 -0.16
C HIS A 204 20.99 0.07 -0.90
N TYR A 205 20.83 1.09 -1.73
CA TYR A 205 21.95 1.70 -2.45
C TYR A 205 22.37 2.91 -1.63
N GLU A 206 23.67 3.00 -1.35
CA GLU A 206 24.17 4.03 -0.42
C GLU A 206 24.27 5.41 -1.03
N GLY A 207 24.09 6.42 -0.19
CA GLY A 207 24.28 7.82 -0.58
C GLY A 207 25.73 8.24 -0.44
N LEU A 208 25.95 9.49 -0.03
CA LEU A 208 27.30 10.05 0.08
C LEU A 208 28.19 9.38 1.12
N GLU A 209 27.58 8.60 2.02
CA GLU A 209 28.33 7.85 3.02
C GLU A 209 29.13 6.68 2.43
N HIS A 210 28.87 6.36 1.16
CA HIS A 210 29.52 5.23 0.48
C HIS A 210 31.02 5.38 0.42
F30 DOO B . -1.84 4.51 0.28
C6 DOO B . -0.82 4.96 1.02
C1 DOO B . 0.08 4.01 1.52
C5 DOO B . -0.74 6.33 1.30
C4 DOO B . 0.30 6.75 2.10
C7 DOO B . 0.74 8.05 2.62
C13 DOO B . 0.27 9.45 2.57
N22 DOO B . -0.72 9.99 1.77
C26 DOO B . -1.18 11.37 1.90
C25 DOO B . -0.95 11.84 0.45
C27 DOO B . 0.37 12.58 0.21
C28 DOO B . 0.95 12.01 -1.08
N29 DOO B . 0.41 10.66 -1.09
C24 DOO B . -0.88 10.60 -0.41
C23 DOO B . -1.09 9.39 0.51
N12 DOO B . 1.01 10.35 3.26
C11 DOO B . 2.09 9.98 3.97
N10 DOO B . 2.56 8.75 4.08
C8 DOO B . 1.92 7.76 3.44
N9 DOO B . 2.19 6.46 3.40
C3 DOO B . 1.27 5.80 2.65
C2 DOO B . 1.15 4.38 2.34
N31 DOO B . 2.06 3.56 2.88
C32 DOO B . 1.96 2.12 2.80
O14 DOO B . 2.76 10.90 4.70
C15 DOO B . 2.38 12.20 4.85
C20 DOO B . 2.20 12.75 6.11
N19 DOO B . 1.88 14.04 6.21
C18 DOO B . 1.71 14.79 5.11
C21 DOO B . 1.34 16.25 5.25
N17 DOO B . 1.87 14.28 3.87
C16 DOO B . 2.22 13.00 3.73
O TBU C . -16.53 -7.87 3.12
C TBU C . -16.40 -8.73 1.97
C1 TBU C . -17.63 -9.62 1.91
C2 TBU C . -16.28 -7.89 0.70
C3 TBU C . -15.13 -9.55 2.15
#